data_9J5X
#
_entry.id   9J5X
#
_cell.length_a   1.00
_cell.length_b   1.00
_cell.length_c   1.00
_cell.angle_alpha   90.00
_cell.angle_beta   90.00
_cell.angle_gamma   90.00
#
_symmetry.space_group_name_H-M   'P 1'
#
loop_
_entity.id
_entity.type
_entity.pdbx_description
1 polymer 'Solute carrier family 22 member 12'
2 non-polymer 3-bromanyl-5-(2-ethylimidazo[1,2-a]pyridin-3-yl)carbonyl-2-oxidanyl-benzenecarbonitrile
#
_entity_poly.entity_id   1
_entity_poly.type   'polypeptide(L)'
_entity_poly.pdbx_seq_one_letter_code
;MAFPELLDRVGGRGRFQLLQAVALVTPILWVTTQSMLENFSAAVPHHRCWVPLLDNSTSQASIPGDFGRDVLLAVSIPPG
PDQRPHQCLRFRQPQWQLIESNTTATNWSDADTEPCEDGWVYDHSTFRSTIVTTWDLVCDSQALRPMAQSIFLAGILVGA
AVCGHASDRFGRRRVLTWSYLLVSVSGTIAALMPTFPLYCLFRFLVASAVAGVMMNTASLLMEWTSAQAGPLMMTLNALG
FSFGQVLTGSVAYGVRSWRMLQLAVSAPFFLFFVYSWWLPESARWLITVGRLDQSLRELQRVAAVNRRKAEADTLTVEVL
RSAMQEEPNGNQAGARLGTLLHTPGLRLRTFISMLCWFAFGFTFFGLALDLQALGSNIFLLQALIGIVDLPVKMGSLLLL
SRLGRRLCQASSLVLPGLCILANILVPREMGILRSSLAVLGLGSLGAAFTCVTIFSSELFPTVIRMTAVGLGQVAARGGA
ILGPLVRLLGVYGSWLPLLVYGVVPVLSGLAALLLPETKNLPLPDTIQDIQKQSVKKVTHDIAGGSVLKSARL
;
_entity_poly.pdbx_strand_id   A
#
loop_
_chem_comp.id
_chem_comp.type
_chem_comp.name
_chem_comp.formula
A1EAP non-polymer 3-bromanyl-5-(2-ethylimidazo[1,2-a]pyridin-3-yl)carbonyl-2-oxidanyl-benzenecarbonitrile 'C17 H12 Br N3 O2'
#
# COMPACT_ATOMS: atom_id res chain seq x y z
N MET A 1 -1.41 16.31 39.25
CA MET A 1 -0.12 16.37 38.57
C MET A 1 -0.10 15.43 37.37
N ALA A 2 -1.07 15.60 36.48
CA ALA A 2 -1.14 14.75 35.30
C ALA A 2 -0.08 15.13 34.29
N PHE A 3 0.16 14.23 33.34
CA PHE A 3 1.18 14.48 32.32
C PHE A 3 0.93 15.73 31.48
N PRO A 4 -0.31 16.05 31.06
CA PRO A 4 -0.50 17.25 30.23
C PRO A 4 0.03 18.53 30.87
N GLU A 5 -0.04 18.64 32.20
CA GLU A 5 0.55 19.79 32.87
C GLU A 5 2.05 19.85 32.62
N LEU A 6 2.73 18.71 32.74
CA LEU A 6 4.18 18.67 32.51
C LEU A 6 4.51 19.01 31.07
N LEU A 7 3.74 18.47 30.11
CA LEU A 7 4.03 18.74 28.71
C LEU A 7 3.79 20.21 28.37
N ASP A 8 2.74 20.80 28.94
CA ASP A 8 2.52 22.23 28.76
C ASP A 8 3.64 23.04 29.41
N ARG A 9 4.20 22.53 30.50
CA ARG A 9 5.30 23.21 31.17
C ARG A 9 6.55 23.23 30.30
N VAL A 10 6.91 22.08 29.73
CA VAL A 10 8.15 22.00 28.95
C VAL A 10 7.99 22.75 27.62
N GLY A 11 6.76 22.81 27.10
CA GLY A 11 6.55 23.41 25.79
C GLY A 11 5.95 22.43 24.80
N GLY A 12 4.73 22.70 24.35
CA GLY A 12 3.99 21.70 23.58
C GLY A 12 4.09 21.88 22.09
N ARG A 13 4.22 23.12 21.61
CA ARG A 13 4.08 23.37 20.18
C ARG A 13 5.39 23.80 19.53
N GLY A 14 6.23 24.51 20.27
CA GLY A 14 7.36 25.20 19.63
C GLY A 14 8.46 24.24 19.19
N ARG A 15 9.23 24.70 18.20
CA ARG A 15 10.42 24.03 17.68
C ARG A 15 10.36 22.50 17.66
N PHE A 16 10.77 21.88 18.77
CA PHE A 16 11.08 20.45 18.83
C PHE A 16 10.10 19.55 18.11
N GLN A 17 8.80 19.79 18.27
CA GLN A 17 7.81 18.94 17.59
C GLN A 17 7.88 19.11 16.08
N LEU A 18 8.25 20.30 15.60
CA LEU A 18 8.43 20.47 14.15
C LEU A 18 9.56 19.60 13.63
N LEU A 19 10.71 19.61 14.31
CA LEU A 19 11.83 18.78 13.89
C LEU A 19 11.48 17.30 13.99
N GLN A 20 10.78 16.91 15.05
CA GLN A 20 10.37 15.52 15.20
C GLN A 20 9.42 15.10 14.08
N ALA A 21 8.48 15.99 13.72
CA ALA A 21 7.56 15.70 12.64
C ALA A 21 8.31 15.52 11.33
N VAL A 22 9.29 16.37 11.06
CA VAL A 22 10.10 16.21 9.86
C VAL A 22 10.80 14.86 9.85
N ALA A 23 11.49 14.54 10.96
CA ALA A 23 12.30 13.34 11.02
C ALA A 23 11.46 12.06 11.04
N LEU A 24 10.17 12.16 11.39
CA LEU A 24 9.32 10.98 11.36
C LEU A 24 8.41 10.91 10.14
N VAL A 25 8.24 12.01 9.41
CA VAL A 25 7.42 11.97 8.21
C VAL A 25 8.26 11.70 6.98
N THR A 26 9.56 12.04 7.02
CA THR A 26 10.43 11.70 5.89
C THR A 26 10.43 10.21 5.55
N PRO A 27 10.51 9.27 6.50
CA PRO A 27 10.51 7.84 6.11
C PRO A 27 9.18 7.34 5.55
N ILE A 28 8.08 8.08 5.73
CA ILE A 28 6.79 7.62 5.20
C ILE A 28 6.81 7.57 3.68
N LEU A 29 7.52 8.51 3.05
CA LEU A 29 7.65 8.49 1.60
C LEU A 29 8.25 7.18 1.12
N TRP A 30 9.36 6.76 1.74
CA TRP A 30 10.01 5.53 1.32
C TRP A 30 9.23 4.30 1.73
N VAL A 31 8.44 4.40 2.80
CA VAL A 31 7.51 3.31 3.13
C VAL A 31 6.50 3.14 1.99
N THR A 32 5.97 4.26 1.48
CA THR A 32 5.04 4.18 0.36
C THR A 32 5.70 3.61 -0.88
N THR A 33 6.94 4.00 -1.15
CA THR A 33 7.65 3.42 -2.29
C THR A 33 7.83 1.91 -2.12
N GLN A 34 8.18 1.47 -0.92
CA GLN A 34 8.31 0.04 -0.67
C GLN A 34 6.98 -0.68 -0.87
N SER A 35 5.89 -0.03 -0.47
CA SER A 35 4.58 -0.66 -0.59
C SER A 35 4.12 -0.78 -2.03
N MET A 36 4.36 0.26 -2.84
CA MET A 36 3.86 0.30 -4.21
C MET A 36 4.92 -0.08 -5.25
N LEU A 37 6.07 -0.57 -4.80
CA LEU A 37 7.09 -1.01 -5.75
C LEU A 37 6.62 -2.17 -6.61
N GLU A 38 5.71 -3.01 -6.10
CA GLU A 38 5.28 -4.20 -6.81
C GLU A 38 4.59 -3.85 -8.13
N ASN A 39 4.18 -2.60 -8.30
CA ASN A 39 3.53 -2.21 -9.55
C ASN A 39 4.55 -2.08 -10.67
N PHE A 40 5.80 -1.76 -10.32
CA PHE A 40 6.86 -1.57 -11.31
C PHE A 40 7.84 -2.72 -11.39
N SER A 41 8.17 -3.33 -10.24
CA SER A 41 9.15 -4.42 -10.26
C SER A 41 8.52 -5.71 -10.75
N ALA A 42 7.20 -5.73 -10.95
CA ALA A 42 6.51 -6.90 -11.45
C ALA A 42 5.61 -6.61 -12.64
N ALA A 43 5.92 -5.57 -13.42
CA ALA A 43 5.12 -5.27 -14.60
C ALA A 43 5.27 -6.37 -15.63
N VAL A 44 4.16 -6.69 -16.30
CA VAL A 44 4.11 -7.77 -17.28
C VAL A 44 4.17 -7.14 -18.67
N PRO A 45 5.28 -7.27 -19.40
CA PRO A 45 5.36 -6.69 -20.74
C PRO A 45 4.77 -7.60 -21.80
N HIS A 46 4.62 -7.05 -22.99
CA HIS A 46 4.11 -7.83 -24.11
C HIS A 46 5.12 -8.91 -24.49
N HIS A 47 4.63 -10.12 -24.76
CA HIS A 47 5.48 -11.26 -25.01
C HIS A 47 4.82 -12.21 -26.00
N ARG A 48 5.64 -13.03 -26.65
CA ARG A 48 5.17 -14.04 -27.58
C ARG A 48 6.07 -15.26 -27.49
N CYS A 49 5.67 -16.32 -28.18
CA CYS A 49 6.32 -17.60 -28.05
C CYS A 49 7.70 -17.59 -28.69
N TRP A 50 8.56 -18.51 -28.25
CA TRP A 50 9.90 -18.63 -28.82
C TRP A 50 9.84 -19.48 -30.08
N VAL A 51 10.36 -18.93 -31.19
CA VAL A 51 10.29 -19.60 -32.47
C VAL A 51 11.70 -19.78 -33.02
N PRO A 52 12.10 -21.00 -33.41
CA PRO A 52 13.45 -21.19 -33.97
C PRO A 52 13.67 -20.40 -35.24
N LEU A 53 12.64 -20.20 -36.06
CA LEU A 53 12.81 -19.51 -37.33
C LEU A 53 13.22 -18.05 -37.12
N LEU A 54 12.67 -17.42 -36.10
CA LEU A 54 12.97 -16.00 -35.86
C LEU A 54 14.14 -15.83 -34.90
N ASP A 55 14.06 -16.44 -33.72
CA ASP A 55 15.00 -16.12 -32.64
C ASP A 55 16.39 -16.67 -32.91
N ASN A 56 16.49 -17.85 -33.51
CA ASN A 56 17.77 -18.53 -33.69
C ASN A 56 18.45 -18.01 -34.94
N SER A 57 19.68 -17.50 -34.78
CA SER A 57 20.45 -17.04 -35.93
C SER A 57 20.92 -18.20 -36.80
N THR A 58 21.17 -19.36 -36.19
CA THR A 58 21.57 -20.54 -36.97
C THR A 58 20.48 -20.94 -37.96
N SER A 59 19.22 -20.92 -37.51
CA SER A 59 18.11 -21.15 -38.43
C SER A 59 17.85 -19.92 -39.29
N GLN A 60 18.24 -18.74 -38.83
CA GLN A 60 18.10 -17.54 -39.64
C GLN A 60 18.95 -17.62 -40.90
N ALA A 61 20.15 -18.18 -40.78
CA ALA A 61 21.01 -18.34 -41.95
C ALA A 61 20.46 -19.36 -42.94
N SER A 62 19.52 -20.20 -42.52
CA SER A 62 18.99 -21.27 -43.35
C SER A 62 17.59 -20.96 -43.91
N ILE A 63 17.13 -19.72 -43.82
CA ILE A 63 15.80 -19.36 -44.30
C ILE A 63 15.77 -19.41 -45.82
N PRO A 64 14.89 -20.23 -46.41
CA PRO A 64 14.74 -20.19 -47.88
C PRO A 64 13.87 -19.03 -48.33
N GLY A 65 14.48 -17.99 -48.89
CA GLY A 65 13.75 -16.82 -49.32
C GLY A 65 13.81 -15.68 -48.32
N ASP A 66 13.99 -14.46 -48.82
CA ASP A 66 14.12 -13.28 -47.96
C ASP A 66 12.72 -12.74 -47.64
N PHE A 67 12.07 -13.40 -46.67
CA PHE A 67 10.75 -13.01 -46.24
C PHE A 67 10.82 -12.08 -45.04
N GLY A 68 9.93 -11.09 -45.01
CA GLY A 68 9.94 -10.14 -43.92
C GLY A 68 9.52 -10.75 -42.60
N ARG A 69 9.95 -10.10 -41.52
CA ARG A 69 9.71 -10.63 -40.18
C ARG A 69 8.22 -10.77 -39.90
N ASP A 70 7.40 -9.89 -40.47
CA ASP A 70 5.96 -9.99 -40.27
C ASP A 70 5.40 -11.28 -40.86
N VAL A 71 5.87 -11.67 -42.04
CA VAL A 71 5.39 -12.90 -42.67
C VAL A 71 5.79 -14.11 -41.84
N LEU A 72 7.04 -14.15 -41.36
CA LEU A 72 7.46 -15.24 -40.49
C LEU A 72 6.66 -15.28 -39.20
N LEU A 73 6.36 -14.12 -38.61
CA LEU A 73 5.57 -14.09 -37.39
C LEU A 73 4.16 -14.63 -37.64
N ALA A 74 3.56 -14.25 -38.78
CA ALA A 74 2.24 -14.77 -39.12
C ALA A 74 2.29 -16.27 -39.38
N VAL A 75 3.38 -16.75 -39.97
CA VAL A 75 3.52 -18.18 -40.26
C VAL A 75 3.65 -18.97 -38.96
N SER A 76 4.47 -18.51 -38.02
CA SER A 76 4.89 -19.34 -36.91
C SER A 76 4.03 -19.24 -35.67
N ILE A 77 3.21 -18.20 -35.54
CA ILE A 77 2.39 -17.98 -34.35
C ILE A 77 0.94 -17.89 -34.78
N PRO A 78 0.03 -18.63 -34.15
CA PRO A 78 -1.39 -18.48 -34.49
C PRO A 78 -1.88 -17.11 -34.09
N PRO A 79 -2.85 -16.57 -34.82
CA PRO A 79 -3.41 -15.26 -34.46
C PRO A 79 -4.19 -15.34 -33.15
N GLY A 80 -4.25 -14.20 -32.45
CA GLY A 80 -4.90 -14.15 -31.17
C GLY A 80 -6.20 -13.37 -31.19
N PRO A 81 -6.89 -13.33 -30.05
CA PRO A 81 -8.17 -12.61 -29.99
C PRO A 81 -8.08 -11.14 -30.31
N ASP A 82 -6.98 -10.47 -29.94
CA ASP A 82 -6.80 -9.05 -30.17
C ASP A 82 -5.95 -8.79 -31.42
N GLN A 83 -6.10 -9.63 -32.44
CA GLN A 83 -5.39 -9.51 -33.72
C GLN A 83 -3.88 -9.59 -33.57
N ARG A 84 -3.39 -9.93 -32.37
CA ARG A 84 -1.98 -10.05 -32.05
C ARG A 84 -1.53 -11.50 -32.13
N PRO A 85 -0.23 -11.75 -32.30
CA PRO A 85 0.25 -13.13 -32.22
C PRO A 85 -0.02 -13.73 -30.85
N HIS A 86 -0.70 -14.88 -30.85
CA HIS A 86 -1.23 -15.42 -29.61
C HIS A 86 -0.08 -15.89 -28.72
N GLN A 87 -0.26 -15.73 -27.41
CA GLN A 87 0.89 -15.62 -26.51
C GLN A 87 1.44 -16.98 -26.08
N CYS A 88 0.57 -17.97 -25.88
CA CYS A 88 0.96 -19.16 -25.12
C CYS A 88 0.97 -20.45 -25.93
N LEU A 89 1.24 -20.39 -27.23
CA LEU A 89 1.31 -21.60 -28.05
C LEU A 89 1.92 -21.30 -29.42
N ARG A 90 2.34 -22.37 -30.10
CA ARG A 90 3.21 -22.26 -31.26
C ARG A 90 2.85 -23.32 -32.29
N PHE A 91 3.11 -23.00 -33.57
CA PHE A 91 2.94 -23.94 -34.67
C PHE A 91 4.06 -24.97 -34.64
N ARG A 92 3.72 -26.24 -34.83
CA ARG A 92 4.71 -27.31 -34.73
C ARG A 92 5.63 -27.36 -35.94
N GLN A 93 5.08 -27.23 -37.15
CA GLN A 93 5.85 -27.60 -38.33
C GLN A 93 5.80 -26.55 -39.43
N PRO A 94 6.46 -25.38 -39.21
CA PRO A 94 6.45 -24.27 -40.18
C PRO A 94 5.41 -24.29 -41.29
N GLN A 95 4.30 -23.57 -41.09
CA GLN A 95 3.16 -23.58 -42.00
C GLN A 95 3.43 -22.62 -43.15
N TRP A 96 3.80 -23.17 -44.32
CA TRP A 96 4.07 -22.32 -45.48
C TRP A 96 2.77 -21.88 -46.18
N GLN A 97 1.69 -22.65 -46.02
CA GLN A 97 0.48 -22.39 -46.80
C GLN A 97 -0.20 -21.09 -46.39
N LEU A 98 0.15 -20.55 -45.21
CA LEU A 98 -0.49 -19.31 -44.76
C LEU A 98 -0.11 -18.12 -45.62
N ILE A 99 1.00 -18.22 -46.36
CA ILE A 99 1.43 -17.10 -47.20
C ILE A 99 0.41 -16.82 -48.29
N GLU A 100 -0.11 -17.86 -48.93
CA GLU A 100 -1.10 -17.68 -49.98
C GLU A 100 -2.39 -17.10 -49.40
N SER A 101 -2.91 -16.07 -50.05
CA SER A 101 -4.17 -15.46 -49.64
C SER A 101 -5.39 -16.19 -50.20
N ASN A 102 -5.19 -17.20 -51.03
CA ASN A 102 -6.31 -17.93 -51.62
C ASN A 102 -7.07 -18.78 -50.62
N THR A 103 -6.50 -19.01 -49.43
CA THR A 103 -7.13 -19.81 -48.39
C THR A 103 -7.49 -18.93 -47.21
N THR A 104 -8.74 -19.04 -46.75
CA THR A 104 -9.21 -18.28 -45.59
C THR A 104 -8.55 -18.86 -44.34
N ALA A 105 -7.65 -18.10 -43.73
CA ALA A 105 -6.86 -18.55 -42.59
C ALA A 105 -7.70 -18.51 -41.33
N THR A 106 -8.69 -19.40 -41.27
CA THR A 106 -9.59 -19.50 -40.12
C THR A 106 -9.81 -20.92 -39.61
N ASN A 107 -9.45 -21.94 -40.37
CA ASN A 107 -9.71 -23.33 -39.98
C ASN A 107 -8.46 -23.97 -39.38
N TRP A 108 -8.30 -23.79 -38.08
CA TRP A 108 -7.14 -24.30 -37.37
C TRP A 108 -7.57 -25.08 -36.14
N SER A 109 -7.04 -26.29 -36.01
CA SER A 109 -7.39 -27.17 -34.91
C SER A 109 -6.43 -27.00 -33.74
N ASP A 110 -6.92 -27.34 -32.55
CA ASP A 110 -6.07 -27.28 -31.37
C ASP A 110 -5.00 -28.37 -31.36
N ALA A 111 -5.15 -29.39 -32.21
CA ALA A 111 -4.11 -30.41 -32.32
C ALA A 111 -2.94 -29.95 -33.17
N ASP A 112 -3.09 -28.85 -33.89
CA ASP A 112 -2.03 -28.33 -34.76
C ASP A 112 -1.01 -27.48 -34.00
N THR A 113 -1.20 -27.26 -32.70
CA THR A 113 -0.35 -26.39 -31.92
C THR A 113 0.23 -27.12 -30.72
N GLU A 114 1.34 -26.60 -30.20
CA GLU A 114 2.01 -27.12 -29.03
C GLU A 114 2.30 -25.98 -28.05
N PRO A 115 2.39 -26.29 -26.76
CA PRO A 115 2.78 -25.24 -25.80
C PRO A 115 4.23 -24.85 -25.96
N CYS A 116 4.55 -23.64 -25.51
CA CYS A 116 5.88 -23.09 -25.68
C CYS A 116 6.89 -23.76 -24.76
N GLU A 117 7.44 -24.89 -25.20
CA GLU A 117 8.42 -25.61 -24.39
C GLU A 117 9.77 -24.92 -24.35
N ASP A 118 10.02 -23.93 -25.21
CA ASP A 118 11.32 -23.30 -25.32
C ASP A 118 11.30 -21.85 -24.83
N GLY A 119 10.54 -21.56 -23.79
CA GLY A 119 10.55 -20.23 -23.20
C GLY A 119 9.78 -19.22 -24.02
N TRP A 120 9.97 -17.95 -23.65
CA TRP A 120 9.26 -16.85 -24.28
C TRP A 120 10.26 -15.77 -24.67
N VAL A 121 9.78 -14.80 -25.45
CA VAL A 121 10.53 -13.61 -25.80
C VAL A 121 9.70 -12.40 -25.39
N TYR A 122 10.25 -11.57 -24.52
CA TYR A 122 9.52 -10.44 -23.96
C TYR A 122 9.93 -9.14 -24.65
N ASP A 123 9.10 -8.13 -24.51
CA ASP A 123 9.39 -6.81 -25.04
C ASP A 123 10.26 -6.07 -24.04
N HIS A 124 11.36 -5.48 -24.52
CA HIS A 124 12.26 -4.70 -23.68
C HIS A 124 12.28 -3.23 -24.06
N SER A 125 11.19 -2.70 -24.60
CA SER A 125 11.16 -1.29 -24.96
C SER A 125 11.07 -0.40 -23.72
N THR A 126 10.26 -0.78 -22.74
CA THR A 126 10.04 0.06 -21.57
C THR A 126 10.81 -0.44 -20.35
N PHE A 127 10.65 -1.71 -20.00
CA PHE A 127 11.28 -2.29 -18.81
C PHE A 127 12.41 -3.21 -19.23
N ARG A 128 13.58 -3.03 -18.62
CA ARG A 128 14.72 -3.88 -18.93
C ARG A 128 14.55 -5.28 -18.34
N SER A 129 13.96 -5.37 -17.14
CA SER A 129 13.77 -6.66 -16.49
C SER A 129 12.81 -6.50 -15.32
N THR A 130 11.92 -7.48 -15.16
CA THR A 130 11.05 -7.58 -14.00
C THR A 130 11.13 -9.00 -13.45
N ILE A 131 10.36 -9.28 -12.40
CA ILE A 131 10.32 -10.65 -11.88
C ILE A 131 9.63 -11.58 -12.88
N VAL A 132 8.65 -11.07 -13.62
CA VAL A 132 7.96 -11.88 -14.61
C VAL A 132 8.92 -12.30 -15.72
N THR A 133 9.76 -11.37 -16.17
CA THR A 133 10.78 -11.72 -17.16
C THR A 133 11.77 -12.73 -16.62
N THR A 134 12.19 -12.56 -15.36
CA THR A 134 13.22 -13.43 -14.81
C THR A 134 12.73 -14.85 -14.61
N TRP A 135 11.57 -15.02 -13.97
CA TRP A 135 11.11 -16.35 -13.56
C TRP A 135 9.93 -16.87 -14.38
N ASP A 136 9.60 -16.22 -15.50
CA ASP A 136 8.59 -16.71 -16.44
C ASP A 136 7.23 -16.89 -15.76
N LEU A 137 6.65 -15.77 -15.34
CA LEU A 137 5.34 -15.78 -14.68
C LEU A 137 4.23 -15.59 -15.70
N VAL A 138 4.15 -16.52 -16.66
CA VAL A 138 3.30 -16.37 -17.83
C VAL A 138 2.53 -17.67 -18.05
N CYS A 139 1.39 -17.54 -18.73
CA CYS A 139 0.52 -18.67 -19.09
C CYS A 139 0.01 -19.38 -17.85
N ASP A 140 0.46 -20.62 -17.63
CA ASP A 140 -0.04 -21.40 -16.50
C ASP A 140 0.41 -20.82 -15.16
N SER A 141 1.41 -19.95 -15.14
CA SER A 141 1.92 -19.36 -13.92
C SER A 141 1.53 -17.89 -13.78
N GLN A 142 0.38 -17.48 -14.30
CA GLN A 142 -0.04 -16.09 -14.15
C GLN A 142 -0.78 -15.84 -12.85
N ALA A 143 -0.98 -16.86 -12.03
CA ALA A 143 -1.67 -16.70 -10.75
C ALA A 143 -0.73 -16.39 -9.60
N LEU A 144 0.56 -16.20 -9.86
CA LEU A 144 1.52 -16.04 -8.78
C LEU A 144 1.90 -14.58 -8.53
N ARG A 145 1.33 -13.63 -9.27
CA ARG A 145 1.47 -12.22 -8.88
C ARG A 145 0.51 -11.83 -7.76
N PRO A 146 -0.80 -12.07 -7.86
CA PRO A 146 -1.66 -11.83 -6.70
C PRO A 146 -1.26 -12.65 -5.49
N MET A 147 -0.67 -13.83 -5.69
CA MET A 147 -0.13 -14.59 -4.57
C MET A 147 0.96 -13.81 -3.85
N ALA A 148 1.88 -13.20 -4.61
CA ALA A 148 2.94 -12.42 -4.00
C ALA A 148 2.38 -11.21 -3.26
N GLN A 149 1.41 -10.51 -3.87
CA GLN A 149 0.85 -9.33 -3.22
C GLN A 149 0.09 -9.70 -1.94
N SER A 150 -0.66 -10.80 -1.98
CA SER A 150 -1.36 -11.25 -0.78
C SER A 150 -0.38 -11.69 0.31
N ILE A 151 0.73 -12.32 -0.08
CA ILE A 151 1.74 -12.69 0.91
C ILE A 151 2.32 -11.45 1.58
N PHE A 152 2.59 -10.41 0.78
CA PHE A 152 3.09 -9.16 1.35
C PHE A 152 2.08 -8.56 2.34
N LEU A 153 0.80 -8.57 1.98
CA LEU A 153 -0.20 -7.97 2.87
C LEU A 153 -0.37 -8.79 4.15
N ALA A 154 -0.32 -10.12 4.04
CA ALA A 154 -0.36 -10.95 5.24
C ALA A 154 0.86 -10.69 6.12
N GLY A 155 2.01 -10.42 5.50
CA GLY A 155 3.17 -10.01 6.26
C GLY A 155 2.91 -8.72 7.03
N ILE A 156 2.26 -7.75 6.38
CA ILE A 156 1.92 -6.51 7.07
C ILE A 156 1.06 -6.80 8.29
N LEU A 157 0.05 -7.66 8.13
CA LEU A 157 -0.85 -7.94 9.24
C LEU A 157 -0.11 -8.60 10.41
N VAL A 158 0.64 -9.66 10.13
CA VAL A 158 1.32 -10.38 11.20
C VAL A 158 2.35 -9.49 11.88
N GLY A 159 3.09 -8.71 11.09
CA GLY A 159 4.04 -7.79 11.67
C GLY A 159 3.38 -6.73 12.53
N ALA A 160 2.21 -6.24 12.10
CA ALA A 160 1.49 -5.27 12.92
C ALA A 160 1.16 -5.85 14.29
N ALA A 161 0.63 -7.07 14.32
CA ALA A 161 0.28 -7.67 15.61
C ALA A 161 1.52 -7.89 16.49
N VAL A 162 2.54 -8.55 15.93
CA VAL A 162 3.71 -8.89 16.74
C VAL A 162 4.43 -7.64 17.21
N CYS A 163 4.62 -6.66 16.31
CA CYS A 163 5.26 -5.42 16.70
C CYS A 163 4.42 -4.64 17.68
N GLY A 164 3.09 -4.75 17.63
CA GLY A 164 2.28 -4.12 18.66
C GLY A 164 2.60 -4.65 20.03
N HIS A 165 2.65 -5.98 20.16
CA HIS A 165 3.02 -6.55 21.46
C HIS A 165 4.42 -6.14 21.86
N ALA A 166 5.38 -6.21 20.94
CA ALA A 166 6.77 -5.93 21.26
C ALA A 166 6.97 -4.48 21.67
N SER A 167 6.29 -3.55 21.00
CA SER A 167 6.44 -2.14 21.31
C SER A 167 5.72 -1.79 22.60
N ASP A 168 4.61 -2.47 22.89
CA ASP A 168 3.97 -2.27 24.18
C ASP A 168 4.83 -2.79 25.32
N ARG A 169 5.64 -3.82 25.09
CA ARG A 169 6.49 -4.38 26.13
C ARG A 169 7.82 -3.67 26.30
N PHE A 170 8.47 -3.23 25.20
CA PHE A 170 9.83 -2.71 25.26
C PHE A 170 9.94 -1.21 25.12
N GLY A 171 9.04 -0.56 24.38
CA GLY A 171 9.10 0.87 24.17
C GLY A 171 8.74 1.24 22.74
N ARG A 172 8.84 2.54 22.45
CA ARG A 172 8.53 3.05 21.12
C ARG A 172 9.78 3.18 20.26
N ARG A 173 10.74 4.00 20.71
CA ARG A 173 11.88 4.34 19.87
C ARG A 173 12.75 3.13 19.56
N ARG A 174 12.92 2.23 20.54
CA ARG A 174 13.76 1.06 20.32
C ARG A 174 13.19 0.18 19.21
N VAL A 175 11.90 -0.13 19.30
CA VAL A 175 11.27 -0.96 18.28
C VAL A 175 11.27 -0.25 16.94
N LEU A 176 11.09 1.07 16.94
CA LEU A 176 11.14 1.82 15.68
C LEU A 176 12.51 1.71 15.02
N THR A 177 13.57 1.86 15.81
CA THR A 177 14.92 1.81 15.27
C THR A 177 15.24 0.42 14.73
N TRP A 178 14.91 -0.62 15.49
CA TRP A 178 15.18 -1.96 15.00
C TRP A 178 14.31 -2.31 13.79
N SER A 179 13.12 -1.71 13.68
CA SER A 179 12.30 -1.90 12.50
C SER A 179 12.93 -1.25 11.27
N TYR A 180 13.53 -0.06 11.44
CA TYR A 180 14.28 0.54 10.36
C TYR A 180 15.39 -0.40 9.89
N LEU A 181 16.17 -0.94 10.84
CA LEU A 181 17.25 -1.84 10.46
C LEU A 181 16.72 -3.07 9.73
N LEU A 182 15.62 -3.65 10.23
CA LEU A 182 15.08 -4.85 9.60
C LEU A 182 14.60 -4.56 8.20
N VAL A 183 13.93 -3.43 7.99
CA VAL A 183 13.51 -3.06 6.64
C VAL A 183 14.70 -3.01 5.70
N SER A 184 15.75 -2.29 6.12
CA SER A 184 16.90 -2.12 5.24
C SER A 184 17.54 -3.46 4.90
N VAL A 185 17.84 -4.27 5.92
CA VAL A 185 18.56 -5.52 5.68
C VAL A 185 17.71 -6.49 4.87
N SER A 186 16.42 -6.61 5.19
CA SER A 186 15.57 -7.55 4.48
C SER A 186 15.38 -7.13 3.03
N GLY A 187 15.23 -5.84 2.76
CA GLY A 187 15.13 -5.40 1.38
C GLY A 187 16.40 -5.66 0.60
N THR A 188 17.55 -5.36 1.19
CA THR A 188 18.82 -5.61 0.50
C THR A 188 19.01 -7.08 0.20
N ILE A 189 18.62 -7.96 1.15
CA ILE A 189 18.71 -9.39 0.89
C ILE A 189 17.75 -9.81 -0.22
N ALA A 190 16.51 -9.33 -0.15
CA ALA A 190 15.50 -9.73 -1.14
C ALA A 190 15.90 -9.31 -2.55
N ALA A 191 16.66 -8.22 -2.68
CA ALA A 191 17.07 -7.79 -4.01
C ALA A 191 18.05 -8.73 -4.68
N LEU A 192 18.36 -9.89 -4.09
CA LEU A 192 19.39 -10.78 -4.62
C LEU A 192 18.97 -12.25 -4.70
N MET A 193 17.77 -12.60 -4.25
CA MET A 193 17.41 -14.02 -4.16
C MET A 193 17.18 -14.61 -5.55
N PRO A 194 17.60 -15.87 -5.77
CA PRO A 194 17.49 -16.44 -7.12
C PRO A 194 16.17 -17.16 -7.40
N THR A 195 15.45 -17.61 -6.38
CA THR A 195 14.23 -18.36 -6.58
C THR A 195 13.02 -17.62 -6.01
N PHE A 196 11.86 -17.92 -6.57
CA PHE A 196 10.65 -17.18 -6.23
C PHE A 196 10.24 -17.30 -4.76
N PRO A 197 10.21 -18.50 -4.15
CA PRO A 197 9.80 -18.57 -2.74
C PRO A 197 10.67 -17.73 -1.81
N LEU A 198 11.98 -17.65 -2.07
CA LEU A 198 12.84 -16.81 -1.25
C LEU A 198 12.45 -15.34 -1.38
N TYR A 199 12.15 -14.90 -2.61
CA TYR A 199 11.68 -13.54 -2.81
C TYR A 199 10.40 -13.28 -2.02
N CYS A 200 9.46 -14.23 -2.07
CA CYS A 200 8.21 -14.06 -1.33
C CYS A 200 8.45 -13.97 0.18
N LEU A 201 9.33 -14.83 0.70
CA LEU A 201 9.61 -14.83 2.14
C LEU A 201 10.24 -13.51 2.58
N PHE A 202 11.19 -13.00 1.80
CA PHE A 202 11.84 -11.77 2.23
C PHE A 202 10.95 -10.56 2.03
N ARG A 203 10.05 -10.59 1.05
CA ARG A 203 9.04 -9.54 0.97
C ARG A 203 8.11 -9.59 2.18
N PHE A 204 7.78 -10.79 2.65
CA PHE A 204 6.99 -10.94 3.86
C PHE A 204 7.68 -10.26 5.04
N LEU A 205 8.97 -10.52 5.22
CA LEU A 205 9.70 -9.91 6.33
C LEU A 205 9.75 -8.39 6.20
N VAL A 206 9.98 -7.90 4.98
CA VAL A 206 9.97 -6.45 4.75
C VAL A 206 8.62 -5.86 5.15
N ALA A 207 7.53 -6.54 4.77
CA ALA A 207 6.20 -6.04 5.10
C ALA A 207 5.98 -5.98 6.60
N SER A 208 6.40 -7.01 7.32
CA SER A 208 6.27 -7.00 8.78
C SER A 208 7.00 -5.80 9.38
N ALA A 209 8.24 -5.57 8.95
CA ALA A 209 9.00 -4.46 9.51
C ALA A 209 8.39 -3.12 9.13
N VAL A 210 7.82 -3.01 7.93
CA VAL A 210 7.15 -1.77 7.51
C VAL A 210 5.94 -1.48 8.40
N ALA A 211 5.15 -2.51 8.71
CA ALA A 211 4.02 -2.32 9.60
C ALA A 211 4.47 -1.84 10.97
N GLY A 212 5.55 -2.44 11.49
CA GLY A 212 6.10 -1.95 12.75
C GLY A 212 6.50 -0.48 12.68
N VAL A 213 7.17 -0.09 11.60
CA VAL A 213 7.59 1.31 11.43
C VAL A 213 6.39 2.23 11.46
N MET A 214 5.36 1.93 10.67
CA MET A 214 4.21 2.83 10.59
C MET A 214 3.53 2.97 11.94
N MET A 215 3.29 1.85 12.62
CA MET A 215 2.59 1.91 13.90
C MET A 215 3.38 2.72 14.92
N ASN A 216 4.68 2.44 15.05
CA ASN A 216 5.46 3.12 16.08
C ASN A 216 5.63 4.60 15.76
N THR A 217 5.77 4.95 14.48
CA THR A 217 5.83 6.36 14.12
C THR A 217 4.54 7.07 14.51
N ALA A 218 3.39 6.47 14.21
CA ALA A 218 2.13 7.11 14.57
C ALA A 218 2.01 7.30 16.07
N SER A 219 2.34 6.26 16.85
CA SER A 219 2.19 6.35 18.30
C SER A 219 3.15 7.39 18.89
N LEU A 220 4.42 7.37 18.47
CA LEU A 220 5.39 8.29 19.04
C LEU A 220 5.12 9.72 18.61
N LEU A 221 4.49 9.91 17.44
CA LEU A 221 4.11 11.25 17.03
C LEU A 221 2.91 11.74 17.83
N MET A 222 2.00 10.83 18.19
CA MET A 222 0.82 11.23 18.96
C MET A 222 1.15 11.53 20.41
N GLU A 223 2.09 10.80 21.00
CA GLU A 223 2.28 10.86 22.45
C GLU A 223 3.15 12.00 22.94
N TRP A 224 3.68 12.84 22.05
CA TRP A 224 4.57 13.92 22.47
C TRP A 224 3.99 15.30 22.29
N THR A 225 2.68 15.41 22.04
CA THR A 225 2.07 16.69 21.71
C THR A 225 0.78 16.89 22.51
N SER A 226 0.41 18.15 22.66
CA SER A 226 -0.84 18.49 23.33
C SER A 226 -2.02 18.00 22.51
N ALA A 227 -3.13 17.72 23.20
CA ALA A 227 -4.30 17.12 22.56
C ALA A 227 -4.91 18.03 21.50
N GLN A 228 -4.60 19.33 21.52
CA GLN A 228 -5.17 20.24 20.53
C GLN A 228 -4.53 20.05 19.16
N ALA A 229 -3.30 19.55 19.12
CA ALA A 229 -2.53 19.47 17.89
C ALA A 229 -2.44 18.04 17.33
N GLY A 230 -3.35 17.15 17.71
CA GLY A 230 -3.37 15.81 17.20
C GLY A 230 -3.73 15.70 15.74
N PRO A 231 -4.94 16.17 15.37
CA PRO A 231 -5.37 16.06 13.97
C PRO A 231 -4.44 16.75 12.99
N LEU A 232 -3.74 17.82 13.39
CA LEU A 232 -2.79 18.46 12.49
C LEU A 232 -1.69 17.49 12.09
N MET A 233 -1.13 16.77 13.07
CA MET A 233 -0.08 15.82 12.75
C MET A 233 -0.61 14.55 12.08
N MET A 234 -1.87 14.20 12.36
CA MET A 234 -2.51 13.15 11.56
C MET A 234 -2.59 13.56 10.09
N THR A 235 -2.93 14.82 9.84
CA THR A 235 -2.97 15.33 8.46
C THR A 235 -1.59 15.31 7.84
N LEU A 236 -0.56 15.67 8.60
CA LEU A 236 0.80 15.58 8.09
C LEU A 236 1.17 14.14 7.71
N ASN A 237 0.82 13.19 8.57
CA ASN A 237 1.06 11.79 8.27
C ASN A 237 0.33 11.37 7.01
N ALA A 238 -0.89 11.85 6.83
CA ALA A 238 -1.66 11.53 5.62
C ALA A 238 -0.99 12.09 4.37
N LEU A 239 -0.53 13.34 4.42
CA LEU A 239 0.12 13.97 3.28
C LEU A 239 1.43 13.28 2.93
N GLY A 240 2.07 12.65 3.92
CA GLY A 240 3.28 11.90 3.66
C GLY A 240 3.08 10.83 2.61
N PHE A 241 1.92 10.16 2.64
CA PHE A 241 1.66 9.08 1.69
C PHE A 241 1.50 9.62 0.26
N SER A 242 0.85 10.78 0.10
CA SER A 242 0.73 11.35 -1.24
C SER A 242 2.09 11.75 -1.80
N PHE A 243 2.92 12.39 -0.97
CA PHE A 243 4.27 12.70 -1.43
C PHE A 243 5.04 11.42 -1.71
N GLY A 244 4.75 10.35 -0.97
CA GLY A 244 5.38 9.08 -1.25
C GLY A 244 4.98 8.50 -2.59
N GLN A 245 3.71 8.67 -2.98
CA GLN A 245 3.29 8.23 -4.31
C GLN A 245 4.02 8.99 -5.40
N VAL A 246 4.14 10.32 -5.23
CA VAL A 246 4.88 11.09 -6.22
C VAL A 246 6.33 10.61 -6.31
N LEU A 247 6.96 10.37 -5.16
CA LEU A 247 8.32 9.87 -5.15
C LEU A 247 8.43 8.50 -5.80
N THR A 248 7.43 7.64 -5.57
CA THR A 248 7.42 6.32 -6.20
C THR A 248 7.44 6.45 -7.71
N GLY A 249 6.55 7.31 -8.24
CA GLY A 249 6.55 7.53 -9.69
C GLY A 249 7.88 8.02 -10.20
N SER A 250 8.47 9.00 -9.51
CA SER A 250 9.72 9.58 -9.96
C SER A 250 10.85 8.54 -9.96
N VAL A 251 11.01 7.81 -8.86
CA VAL A 251 12.09 6.84 -8.77
C VAL A 251 11.88 5.69 -9.76
N ALA A 252 10.63 5.26 -9.96
CA ALA A 252 10.37 4.23 -10.96
C ALA A 252 10.73 4.71 -12.37
N TYR A 253 10.45 5.98 -12.68
CA TYR A 253 10.91 6.53 -13.95
C TYR A 253 12.42 6.55 -14.04
N GLY A 254 13.10 6.80 -12.92
CA GLY A 254 14.55 6.90 -12.96
C GLY A 254 15.26 5.61 -13.30
N VAL A 255 14.84 4.51 -12.69
CA VAL A 255 15.52 3.22 -12.81
C VAL A 255 14.54 2.20 -13.36
N ARG A 256 14.98 1.42 -14.34
CA ARG A 256 14.11 0.47 -15.04
C ARG A 256 14.58 -0.97 -14.94
N SER A 257 15.40 -1.30 -13.94
CA SER A 257 15.75 -2.68 -13.63
C SER A 257 15.29 -2.99 -12.22
N TRP A 258 14.64 -4.14 -12.03
CA TRP A 258 13.93 -4.37 -10.78
C TRP A 258 14.88 -4.58 -9.61
N ARG A 259 16.03 -5.22 -9.83
CA ARG A 259 16.98 -5.42 -8.75
C ARG A 259 17.60 -4.09 -8.32
N MET A 260 18.02 -3.28 -9.29
CA MET A 260 18.58 -1.97 -8.96
C MET A 260 17.53 -1.09 -8.29
N LEU A 261 16.28 -1.16 -8.77
CA LEU A 261 15.22 -0.38 -8.16
C LEU A 261 14.98 -0.80 -6.70
N GLN A 262 14.96 -2.10 -6.45
CA GLN A 262 14.76 -2.59 -5.08
C GLN A 262 15.91 -2.14 -4.18
N LEU A 263 17.15 -2.23 -4.67
CA LEU A 263 18.28 -1.78 -3.87
C LEU A 263 18.18 -0.29 -3.57
N ALA A 264 17.85 0.52 -4.58
CA ALA A 264 17.77 1.96 -4.38
C ALA A 264 16.68 2.31 -3.37
N VAL A 265 15.56 1.59 -3.41
CA VAL A 265 14.48 1.86 -2.47
C VAL A 265 14.86 1.43 -1.06
N SER A 266 15.56 0.30 -0.92
CA SER A 266 15.81 -0.23 0.42
C SER A 266 17.06 0.37 1.05
N ALA A 267 17.84 1.13 0.28
CA ALA A 267 19.06 1.71 0.83
C ALA A 267 18.86 2.72 1.96
N PRO A 268 17.99 3.72 1.85
CA PRO A 268 18.00 4.81 2.86
C PRO A 268 17.59 4.38 4.26
N PHE A 269 17.00 3.21 4.42
CA PHE A 269 16.51 2.83 5.76
C PHE A 269 17.66 2.56 6.71
N PHE A 270 18.83 2.16 6.21
CA PHE A 270 19.99 2.08 7.09
C PHE A 270 20.38 3.45 7.59
N LEU A 271 20.33 4.47 6.73
CA LEU A 271 20.59 5.84 7.16
C LEU A 271 19.60 6.26 8.23
N PHE A 272 18.33 5.90 8.05
CA PHE A 272 17.33 6.22 9.07
C PHE A 272 17.64 5.52 10.39
N PHE A 273 18.07 4.27 10.32
CA PHE A 273 18.49 3.54 11.52
C PHE A 273 19.64 4.24 12.22
N VAL A 274 20.59 4.79 11.45
CA VAL A 274 21.79 5.38 12.04
C VAL A 274 21.42 6.55 12.95
N TYR A 275 20.53 7.42 12.49
CA TYR A 275 20.18 8.61 13.28
C TYR A 275 18.91 8.44 14.10
N SER A 276 18.30 7.25 14.08
CA SER A 276 17.13 7.02 14.94
C SER A 276 17.51 7.08 16.43
N TRP A 277 18.79 6.93 16.75
CA TRP A 277 19.18 6.88 18.16
C TRP A 277 18.99 8.22 18.85
N TRP A 278 19.24 9.32 18.14
CA TRP A 278 19.24 10.64 18.79
C TRP A 278 17.85 11.10 19.17
N LEU A 279 16.81 10.44 18.69
CA LEU A 279 15.46 10.83 19.07
C LEU A 279 15.20 10.46 20.53
N PRO A 280 14.40 11.25 21.25
CA PRO A 280 14.07 10.90 22.63
C PRO A 280 12.84 9.99 22.72
N GLU A 281 12.88 9.09 23.71
CA GLU A 281 11.78 8.16 23.91
C GLU A 281 10.58 8.87 24.53
N SER A 282 9.39 8.36 24.24
CA SER A 282 8.16 8.96 24.76
C SER A 282 8.17 8.97 26.28
N ALA A 283 7.85 10.13 26.86
CA ALA A 283 7.88 10.28 28.31
C ALA A 283 6.67 9.64 28.98
N ARG A 284 5.52 9.61 28.31
CA ARG A 284 4.33 9.01 28.91
C ARG A 284 4.53 7.53 29.17
N TRP A 285 5.03 6.80 28.18
CA TRP A 285 5.28 5.38 28.37
C TRP A 285 6.33 5.14 29.44
N LEU A 286 7.37 5.98 29.47
CA LEU A 286 8.39 5.87 30.50
C LEU A 286 7.78 6.05 31.89
N ILE A 287 6.85 6.99 32.03
CA ILE A 287 6.15 7.17 33.29
C ILE A 287 5.34 5.92 33.63
N THR A 288 4.68 5.34 32.63
CA THR A 288 3.83 4.18 32.88
C THR A 288 4.64 3.01 33.43
N VAL A 289 5.82 2.76 32.87
CA VAL A 289 6.59 1.58 33.25
C VAL A 289 7.09 1.65 34.69
N GLY A 290 7.69 2.77 35.08
CA GLY A 290 8.23 2.92 36.41
C GLY A 290 9.68 3.32 36.51
N ARG A 291 10.30 3.75 35.41
CA ARG A 291 11.68 4.25 35.44
C ARG A 291 11.65 5.79 35.33
N LEU A 292 11.63 6.41 36.51
CA LEU A 292 11.33 7.84 36.59
C LEU A 292 12.53 8.69 36.16
N ASP A 293 13.74 8.25 36.47
CA ASP A 293 14.91 9.05 36.16
C ASP A 293 15.08 9.22 34.66
N GLN A 294 14.84 8.15 33.90
CA GLN A 294 14.89 8.26 32.45
C GLN A 294 13.82 9.22 31.94
N SER A 295 12.63 9.19 32.54
CA SER A 295 11.58 10.13 32.17
C SER A 295 12.04 11.56 32.39
N LEU A 296 12.66 11.82 33.55
CA LEU A 296 13.15 13.15 33.85
C LEU A 296 14.21 13.58 32.85
N ARG A 297 15.08 12.66 32.45
CA ARG A 297 16.12 13.00 31.47
C ARG A 297 15.50 13.43 30.14
N GLU A 298 14.52 12.67 29.64
CA GLU A 298 13.90 13.02 28.37
C GLU A 298 13.16 14.34 28.49
N LEU A 299 12.44 14.55 29.60
CA LEU A 299 11.70 15.80 29.77
C LEU A 299 12.64 17.00 29.81
N GLN A 300 13.75 16.87 30.54
CA GLN A 300 14.72 17.97 30.60
C GLN A 300 15.36 18.22 29.25
N ARG A 301 15.66 17.15 28.50
CA ARG A 301 16.27 17.32 27.19
C ARG A 301 15.33 18.05 26.23
N VAL A 302 14.07 17.63 26.18
CA VAL A 302 13.13 18.26 25.26
C VAL A 302 12.80 19.67 25.72
N ALA A 303 12.82 19.94 27.02
CA ALA A 303 12.64 21.31 27.49
C ALA A 303 13.82 22.19 27.11
N ALA A 304 15.05 21.66 27.21
CA ALA A 304 16.23 22.41 26.81
C ALA A 304 16.23 22.67 25.31
N VAL A 305 15.68 21.76 24.51
CA VAL A 305 15.57 21.98 23.08
C VAL A 305 14.71 23.20 22.79
N ASN A 306 13.59 23.33 23.52
CA ASN A 306 12.70 24.47 23.35
C ASN A 306 13.14 25.71 24.11
N ARG A 307 14.32 25.68 24.73
CA ARG A 307 14.84 26.80 25.52
C ARG A 307 13.88 27.18 26.64
N ARG A 308 13.42 26.18 27.39
CA ARG A 308 12.52 26.37 28.52
C ARG A 308 13.11 25.72 29.77
N LYS A 309 14.40 25.99 30.03
CA LYS A 309 15.08 25.38 31.16
C LYS A 309 14.54 25.86 32.50
N ALA A 310 14.11 27.12 32.60
CA ALA A 310 13.63 27.66 33.87
C ALA A 310 12.43 26.87 34.38
N GLU A 311 11.47 26.59 33.51
CA GLU A 311 10.31 25.82 33.91
C GLU A 311 10.67 24.36 34.16
N ALA A 312 11.72 23.87 33.50
CA ALA A 312 12.15 22.49 33.71
C ALA A 312 12.91 22.33 35.02
N ASP A 313 13.41 23.43 35.57
CA ASP A 313 14.21 23.35 36.80
C ASP A 313 13.38 22.84 37.98
N THR A 314 12.07 23.04 37.93
CA THR A 314 11.21 22.67 39.04
C THR A 314 10.75 21.22 39.01
N LEU A 315 11.10 20.46 37.96
CA LEU A 315 10.68 19.07 37.87
C LEU A 315 11.41 18.21 38.88
N THR A 316 10.66 17.44 39.66
CA THR A 316 11.20 16.48 40.61
C THR A 316 10.49 15.15 40.44
N VAL A 317 10.95 14.15 41.18
CA VAL A 317 10.42 12.79 41.01
C VAL A 317 9.01 12.68 41.58
N GLU A 318 8.65 13.51 42.56
CA GLU A 318 7.35 13.34 43.22
C GLU A 318 6.19 13.62 42.26
N VAL A 319 6.28 14.68 41.46
CA VAL A 319 5.21 14.98 40.51
C VAL A 319 5.12 13.89 39.46
N LEU A 320 6.27 13.32 39.08
CA LEU A 320 6.27 12.21 38.13
C LEU A 320 5.58 10.99 38.72
N ARG A 321 5.80 10.73 40.01
CA ARG A 321 5.11 9.62 40.67
C ARG A 321 3.61 9.88 40.76
N SER A 322 3.22 11.12 41.00
CA SER A 322 1.79 11.46 40.99
C SER A 322 1.19 11.21 39.62
N ALA A 323 1.90 11.60 38.56
CA ALA A 323 1.42 11.30 37.21
C ALA A 323 1.34 9.80 36.97
N MET A 324 2.28 9.05 37.53
CA MET A 324 2.23 7.60 37.45
C MET A 324 0.94 7.06 38.07
N GLN A 325 0.60 7.54 39.27
CA GLN A 325 -0.59 7.07 39.95
C GLN A 325 -1.86 7.45 39.18
N GLU A 326 -1.88 8.64 38.59
CA GLU A 326 -3.09 9.11 37.93
C GLU A 326 -3.37 8.38 36.61
N GLU A 327 -2.41 7.62 36.10
CA GLU A 327 -2.60 6.97 34.80
C GLU A 327 -3.60 5.82 34.94
N PRO A 328 -4.65 5.79 34.13
CA PRO A 328 -5.65 4.73 34.27
C PRO A 328 -5.12 3.36 33.87
N ASN A 329 -5.66 2.33 34.52
CA ASN A 329 -5.23 0.97 34.27
C ASN A 329 -6.00 0.35 33.10
N GLY A 330 -5.34 -0.56 32.40
CA GLY A 330 -5.92 -1.27 31.29
C GLY A 330 -6.27 -2.72 31.55
N ASN A 331 -6.66 -3.07 32.79
CA ASN A 331 -6.95 -4.46 33.11
C ASN A 331 -8.18 -4.98 32.37
N GLN A 332 -9.00 -4.07 31.85
CA GLN A 332 -10.27 -4.38 31.20
C GLN A 332 -10.11 -4.94 29.78
N ALA A 333 -8.91 -5.36 29.37
CA ALA A 333 -8.69 -5.78 27.99
C ALA A 333 -9.59 -6.94 27.58
N GLY A 334 -9.84 -7.87 28.50
CA GLY A 334 -10.66 -9.03 28.15
C GLY A 334 -12.14 -8.69 28.02
N ALA A 335 -12.55 -7.55 28.56
CA ALA A 335 -13.96 -7.23 28.68
C ALA A 335 -14.52 -6.39 27.53
N ARG A 336 -13.76 -5.46 26.99
CA ARG A 336 -14.34 -4.54 26.01
C ARG A 336 -14.55 -5.21 24.66
N LEU A 337 -13.75 -6.24 24.34
CA LEU A 337 -13.90 -6.92 23.06
C LEU A 337 -15.27 -7.57 22.94
N GLY A 338 -15.70 -8.30 23.98
CA GLY A 338 -17.03 -8.88 23.95
C GLY A 338 -18.13 -7.85 24.03
N THR A 339 -17.96 -6.83 24.87
CA THR A 339 -18.99 -5.82 25.07
C THR A 339 -19.28 -5.04 23.79
N LEU A 340 -18.31 -4.95 22.87
CA LEU A 340 -18.54 -4.24 21.62
C LEU A 340 -19.67 -4.89 20.81
N LEU A 341 -19.71 -6.22 20.76
CA LEU A 341 -20.70 -6.91 19.96
C LEU A 341 -21.89 -7.40 20.78
N HIS A 342 -21.69 -7.68 22.06
CA HIS A 342 -22.80 -8.21 22.87
C HIS A 342 -23.82 -7.14 23.21
N THR A 343 -23.43 -5.87 23.16
CA THR A 343 -24.38 -4.79 23.40
C THR A 343 -25.31 -4.65 22.20
N PRO A 344 -26.63 -4.75 22.37
CA PRO A 344 -27.52 -4.64 21.20
C PRO A 344 -27.39 -3.31 20.46
N GLY A 345 -27.23 -2.21 21.18
CA GLY A 345 -27.03 -0.93 20.51
C GLY A 345 -25.71 -0.84 19.80
N LEU A 346 -24.65 -1.39 20.41
CA LEU A 346 -23.31 -1.31 19.83
C LEU A 346 -23.05 -2.38 18.78
N ARG A 347 -23.93 -3.39 18.65
CA ARG A 347 -23.68 -4.42 17.67
C ARG A 347 -23.78 -3.89 16.24
N LEU A 348 -24.85 -3.15 15.95
CA LEU A 348 -25.04 -2.62 14.60
C LEU A 348 -24.07 -1.48 14.31
N ARG A 349 -23.77 -0.63 15.29
CA ARG A 349 -22.88 0.50 15.04
C ARG A 349 -21.49 0.03 14.64
N THR A 350 -20.97 -1.00 15.29
CA THR A 350 -19.65 -1.50 14.94
C THR A 350 -19.64 -2.12 13.55
N PHE A 351 -20.65 -2.93 13.23
CA PHE A 351 -20.63 -3.69 11.98
C PHE A 351 -20.60 -2.76 10.78
N ILE A 352 -21.41 -1.70 10.80
CA ILE A 352 -21.38 -0.74 9.70
C ILE A 352 -20.05 0.00 9.67
N SER A 353 -19.48 0.30 10.84
CA SER A 353 -18.12 0.84 10.88
C SER A 353 -17.12 -0.20 10.38
N MET A 354 -17.34 -1.47 10.73
CA MET A 354 -16.47 -2.54 10.22
C MET A 354 -16.55 -2.62 8.69
N LEU A 355 -17.76 -2.53 8.14
CA LEU A 355 -17.93 -2.62 6.69
C LEU A 355 -17.30 -1.42 5.99
N CYS A 356 -17.35 -0.24 6.62
CA CYS A 356 -16.69 0.93 6.04
C CYS A 356 -15.18 0.78 6.10
N TRP A 357 -14.66 0.20 7.18
CA TRP A 357 -13.22 -0.06 7.26
C TRP A 357 -12.80 -1.13 6.27
N PHE A 358 -13.66 -2.13 6.06
CA PHE A 358 -13.35 -3.20 5.12
C PHE A 358 -13.25 -2.71 3.68
N ALA A 359 -14.14 -1.78 3.30
CA ALA A 359 -14.24 -1.41 1.89
C ALA A 359 -12.99 -0.67 1.41
N PHE A 360 -12.27 -0.02 2.32
CA PHE A 360 -11.10 0.75 1.89
C PHE A 360 -9.99 -0.17 1.40
N GLY A 361 -9.66 -1.20 2.18
CA GLY A 361 -8.58 -2.09 1.78
C GLY A 361 -8.91 -2.91 0.55
N PHE A 362 -10.15 -3.38 0.45
CA PHE A 362 -10.55 -4.24 -0.66
C PHE A 362 -10.43 -3.52 -1.99
N THR A 363 -10.94 -2.29 -2.08
CA THR A 363 -11.02 -1.60 -3.35
C THR A 363 -9.73 -0.89 -3.71
N PHE A 364 -9.14 -0.17 -2.76
CA PHE A 364 -7.94 0.62 -3.07
C PHE A 364 -6.78 -0.27 -3.47
N PHE A 365 -6.47 -1.28 -2.66
CA PHE A 365 -5.31 -2.13 -2.95
C PHE A 365 -5.55 -3.07 -4.11
N GLY A 366 -6.81 -3.37 -4.44
CA GLY A 366 -7.07 -4.21 -5.59
C GLY A 366 -6.84 -3.48 -6.91
N LEU A 367 -6.90 -2.15 -6.90
CA LEU A 367 -6.72 -1.34 -8.09
C LEU A 367 -5.40 -0.58 -8.11
N ALA A 368 -4.91 -0.13 -6.96
CA ALA A 368 -3.67 0.64 -6.94
C ALA A 368 -2.46 -0.21 -7.29
N LEU A 369 -2.61 -1.53 -7.35
CA LEU A 369 -1.53 -2.41 -7.78
C LEU A 369 -1.68 -2.89 -9.22
N ASP A 370 -2.65 -2.37 -9.95
CA ASP A 370 -2.94 -2.80 -11.31
C ASP A 370 -3.16 -1.59 -12.21
N LEU A 371 -2.25 -0.62 -12.11
CA LEU A 371 -2.31 0.55 -12.99
C LEU A 371 -2.00 0.22 -14.43
N GLN A 372 -1.47 -0.97 -14.71
CA GLN A 372 -1.14 -1.34 -16.09
C GLN A 372 -2.39 -1.48 -16.94
N ALA A 373 -3.51 -1.89 -16.32
CA ALA A 373 -4.75 -2.12 -17.05
C ALA A 373 -5.64 -0.89 -17.13
N LEU A 374 -5.31 0.20 -16.42
CA LEU A 374 -6.15 1.40 -16.43
C LEU A 374 -5.63 2.48 -17.36
N GLY A 375 -4.56 2.25 -18.08
CA GLY A 375 -4.02 3.28 -18.96
C GLY A 375 -2.76 2.79 -19.66
N SER A 376 -2.11 3.73 -20.32
CA SER A 376 -0.89 3.44 -21.08
C SER A 376 0.38 3.80 -20.31
N ASN A 377 0.49 5.06 -19.87
CA ASN A 377 1.68 5.53 -19.17
C ASN A 377 1.48 5.36 -17.67
N ILE A 378 2.12 4.33 -17.12
CA ILE A 378 1.97 4.07 -15.69
C ILE A 378 2.88 4.95 -14.86
N PHE A 379 3.89 5.56 -15.48
CA PHE A 379 4.70 6.55 -14.76
C PHE A 379 3.88 7.79 -14.45
N LEU A 380 3.02 8.21 -15.38
CA LEU A 380 2.20 9.40 -15.16
C LEU A 380 1.05 9.11 -14.21
N LEU A 381 0.47 7.91 -14.28
CA LEU A 381 -0.66 7.59 -13.42
C LEU A 381 -0.25 7.57 -11.95
N GLN A 382 0.96 7.10 -11.66
CA GLN A 382 1.42 7.06 -10.27
C GLN A 382 1.58 8.46 -9.70
N ALA A 383 2.06 9.40 -10.53
CA ALA A 383 2.21 10.77 -10.06
C ALA A 383 0.86 11.42 -9.77
N LEU A 384 -0.13 11.17 -10.62
CA LEU A 384 -1.39 11.89 -10.49
C LEU A 384 -2.22 11.41 -9.30
N ILE A 385 -2.08 10.14 -8.92
CA ILE A 385 -2.78 9.66 -7.73
C ILE A 385 -2.30 10.41 -6.48
N GLY A 386 -0.98 10.62 -6.38
CA GLY A 386 -0.47 11.42 -5.28
C GLY A 386 -0.86 12.88 -5.38
N ILE A 387 -0.91 13.42 -6.60
CA ILE A 387 -1.22 14.84 -6.78
C ILE A 387 -2.67 15.12 -6.40
N VAL A 388 -3.60 14.32 -6.93
CA VAL A 388 -5.03 14.58 -6.69
C VAL A 388 -5.39 14.35 -5.24
N ASP A 389 -4.66 13.48 -4.54
CA ASP A 389 -4.95 13.20 -3.14
C ASP A 389 -4.84 14.45 -2.27
N LEU A 390 -4.02 15.42 -2.67
CA LEU A 390 -3.79 16.59 -1.84
C LEU A 390 -5.00 17.53 -1.80
N PRO A 391 -5.52 18.03 -2.96
CA PRO A 391 -6.67 18.95 -2.89
C PRO A 391 -7.91 18.30 -2.29
N VAL A 392 -8.11 17.01 -2.56
CA VAL A 392 -9.33 16.33 -2.10
C VAL A 392 -9.32 16.15 -0.59
N LYS A 393 -8.18 15.72 -0.04
CA LYS A 393 -8.11 15.45 1.39
C LYS A 393 -8.35 16.72 2.20
N MET A 394 -7.70 17.82 1.81
CA MET A 394 -7.90 19.08 2.52
C MET A 394 -9.27 19.67 2.22
N GLY A 395 -9.75 19.50 0.98
CA GLY A 395 -11.04 20.07 0.62
C GLY A 395 -12.21 19.33 1.23
N SER A 396 -12.00 18.08 1.63
CA SER A 396 -13.09 17.29 2.19
C SER A 396 -13.45 17.74 3.61
N LEU A 397 -12.44 18.11 4.41
CA LEU A 397 -12.69 18.41 5.81
C LEU A 397 -13.56 19.65 5.96
N LEU A 398 -13.61 20.50 4.94
CA LEU A 398 -14.53 21.63 4.95
C LEU A 398 -15.98 21.16 5.03
N LEU A 399 -16.31 20.10 4.28
CA LEU A 399 -17.68 19.61 4.25
C LEU A 399 -18.08 18.90 5.54
N LEU A 400 -17.11 18.61 6.42
CA LEU A 400 -17.45 17.94 7.68
C LEU A 400 -18.37 18.80 8.54
N SER A 401 -17.99 20.06 8.77
CA SER A 401 -18.77 20.92 9.65
C SER A 401 -20.03 21.43 8.96
N ARG A 402 -19.96 21.68 7.65
CA ARG A 402 -21.09 22.28 6.95
C ARG A 402 -22.15 21.24 6.58
N LEU A 403 -21.76 20.22 5.83
CA LEU A 403 -22.72 19.26 5.30
C LEU A 403 -23.09 18.17 6.30
N GLY A 404 -22.48 18.14 7.48
CA GLY A 404 -22.85 17.18 8.49
C GLY A 404 -21.84 16.05 8.60
N ARG A 405 -22.16 15.09 9.47
CA ARG A 405 -21.26 13.97 9.71
C ARG A 405 -21.68 12.72 8.93
N ARG A 406 -22.95 12.32 9.04
CA ARG A 406 -23.37 11.06 8.43
C ARG A 406 -23.33 11.14 6.91
N LEU A 407 -23.52 12.33 6.34
CA LEU A 407 -23.55 12.47 4.90
C LEU A 407 -22.15 12.40 4.29
N CYS A 408 -21.12 12.79 5.06
CA CYS A 408 -19.77 12.78 4.53
C CYS A 408 -19.28 11.36 4.25
N GLN A 409 -19.60 10.42 5.15
CA GLN A 409 -19.17 9.04 4.94
C GLN A 409 -19.80 8.43 3.69
N ALA A 410 -21.10 8.68 3.48
CA ALA A 410 -21.78 8.13 2.33
C ALA A 410 -21.21 8.69 1.02
N SER A 411 -20.96 10.00 0.97
CA SER A 411 -20.40 10.58 -0.23
C SER A 411 -18.95 10.16 -0.44
N SER A 412 -18.21 9.92 0.65
CA SER A 412 -16.81 9.56 0.54
C SER A 412 -16.59 8.17 -0.04
N LEU A 413 -17.64 7.36 -0.17
CA LEU A 413 -17.52 6.02 -0.72
C LEU A 413 -18.33 5.82 -1.99
N VAL A 414 -19.50 6.42 -2.10
CA VAL A 414 -20.33 6.24 -3.30
C VAL A 414 -19.68 6.92 -4.50
N LEU A 415 -19.28 8.17 -4.34
CA LEU A 415 -18.78 8.93 -5.49
C LEU A 415 -17.48 8.38 -6.05
N PRO A 416 -16.46 8.04 -5.25
CA PRO A 416 -15.32 7.30 -5.85
C PRO A 416 -15.73 5.95 -6.40
N GLY A 417 -16.77 5.34 -5.86
CA GLY A 417 -17.22 4.05 -6.37
C GLY A 417 -17.81 4.15 -7.77
N LEU A 418 -18.58 5.20 -8.03
CA LEU A 418 -19.21 5.33 -9.34
C LEU A 418 -18.22 5.73 -10.41
N CYS A 419 -17.06 6.26 -10.02
CA CYS A 419 -16.02 6.57 -11.00
C CYS A 419 -15.49 5.29 -11.64
N ILE A 420 -15.31 4.23 -10.85
CA ILE A 420 -14.81 2.97 -11.39
C ILE A 420 -15.86 2.31 -12.27
N LEU A 421 -17.12 2.29 -11.83
CA LEU A 421 -18.17 1.67 -12.63
C LEU A 421 -18.37 2.40 -13.95
N ALA A 422 -18.10 3.70 -13.97
CA ALA A 422 -18.18 4.45 -15.23
C ALA A 422 -17.07 4.04 -16.19
N ASN A 423 -16.00 3.44 -15.67
CA ASN A 423 -14.91 3.00 -16.55
C ASN A 423 -15.34 1.83 -17.43
N ILE A 424 -16.22 0.98 -16.92
CA ILE A 424 -16.72 -0.14 -17.72
C ILE A 424 -17.58 0.37 -18.87
N LEU A 425 -18.53 1.27 -18.58
CA LEU A 425 -19.51 1.67 -19.57
C LEU A 425 -18.89 2.50 -20.68
N VAL A 426 -17.93 3.36 -20.35
CA VAL A 426 -17.35 4.26 -21.34
C VAL A 426 -16.62 3.45 -22.40
N PRO A 427 -16.76 3.77 -23.69
CA PRO A 427 -16.03 3.02 -24.72
C PRO A 427 -14.53 3.22 -24.58
N ARG A 428 -13.77 2.18 -24.96
CA ARG A 428 -12.32 2.25 -24.86
C ARG A 428 -11.72 3.20 -25.87
N GLU A 429 -12.52 3.64 -26.85
CA GLU A 429 -12.04 4.59 -27.84
C GLU A 429 -11.65 5.92 -27.20
N MET A 430 -12.46 6.40 -26.25
CA MET A 430 -12.18 7.62 -25.52
C MET A 430 -11.25 7.29 -24.36
N GLY A 431 -9.97 7.10 -24.66
CA GLY A 431 -9.02 6.69 -23.63
C GLY A 431 -8.80 7.74 -22.56
N ILE A 432 -8.79 9.01 -22.96
CA ILE A 432 -8.50 10.09 -22.02
C ILE A 432 -9.55 10.14 -20.92
N LEU A 433 -10.81 9.91 -21.26
CA LEU A 433 -11.85 9.87 -20.24
C LEU A 433 -11.70 8.65 -19.36
N ARG A 434 -11.22 7.55 -19.92
CA ARG A 434 -10.98 6.34 -19.13
C ARG A 434 -9.90 6.58 -18.08
N SER A 435 -8.81 7.27 -18.47
CA SER A 435 -7.69 7.48 -17.56
C SER A 435 -8.03 8.51 -16.50
N SER A 436 -8.70 9.60 -16.89
CA SER A 436 -8.99 10.68 -15.94
C SER A 436 -9.94 10.21 -14.85
N LEU A 437 -10.90 9.35 -15.21
CA LEU A 437 -11.83 8.84 -14.21
C LEU A 437 -11.13 7.96 -13.19
N ALA A 438 -10.19 7.13 -13.64
CA ALA A 438 -9.49 6.24 -12.71
C ALA A 438 -8.60 7.03 -11.75
N VAL A 439 -8.04 8.15 -12.22
CA VAL A 439 -7.27 9.01 -11.34
C VAL A 439 -8.17 9.60 -10.26
N LEU A 440 -9.36 10.05 -10.64
CA LEU A 440 -10.28 10.65 -9.66
C LEU A 440 -10.92 9.57 -8.79
N GLY A 441 -10.97 8.34 -9.27
CA GLY A 441 -11.51 7.25 -8.48
C GLY A 441 -10.64 6.89 -7.30
N LEU A 442 -9.41 6.45 -7.55
CA LEU A 442 -8.51 6.10 -6.46
C LEU A 442 -7.98 7.34 -5.75
N GLY A 443 -7.89 8.46 -6.47
CA GLY A 443 -7.47 9.70 -5.83
C GLY A 443 -8.40 10.14 -4.74
N SER A 444 -9.71 10.08 -4.99
CA SER A 444 -10.71 10.43 -3.98
C SER A 444 -11.02 9.29 -3.03
N LEU A 445 -10.55 8.07 -3.30
CA LEU A 445 -10.78 6.96 -2.39
C LEU A 445 -9.89 7.02 -1.16
N GLY A 446 -8.75 7.73 -1.25
CA GLY A 446 -7.91 7.91 -0.09
C GLY A 446 -8.50 8.83 0.95
N ALA A 447 -9.40 9.72 0.54
CA ALA A 447 -10.05 10.61 1.50
C ALA A 447 -10.94 9.83 2.46
N ALA A 448 -11.38 8.63 2.06
CA ALA A 448 -12.19 7.80 2.93
C ALA A 448 -11.41 7.36 4.16
N PHE A 449 -10.10 7.11 3.98
CA PHE A 449 -9.28 6.67 5.11
C PHE A 449 -9.22 7.74 6.20
N THR A 450 -9.07 9.00 5.81
CA THR A 450 -8.93 10.08 6.79
C THR A 450 -10.27 10.35 7.49
N CYS A 451 -11.36 10.43 6.74
CA CYS A 451 -12.65 10.75 7.34
C CYS A 451 -13.10 9.69 8.33
N VAL A 452 -12.91 8.41 8.00
CA VAL A 452 -13.35 7.35 8.88
C VAL A 452 -12.49 7.31 10.16
N THR A 453 -11.19 7.60 10.03
CA THR A 453 -10.33 7.58 11.21
C THR A 453 -10.78 8.63 12.23
N ILE A 454 -11.13 9.83 11.76
CA ILE A 454 -11.59 10.88 12.68
C ILE A 454 -12.95 10.53 13.24
N PHE A 455 -13.84 9.99 12.41
CA PHE A 455 -15.22 9.75 12.84
C PHE A 455 -15.32 8.57 13.81
N SER A 456 -14.34 7.66 13.77
CA SER A 456 -14.42 6.45 14.58
C SER A 456 -14.44 6.77 16.07
N SER A 457 -13.62 7.73 16.50
CA SER A 457 -13.50 8.02 17.92
C SER A 457 -14.78 8.63 18.49
N GLU A 458 -15.38 9.59 17.77
CA GLU A 458 -16.43 10.40 18.36
C GLU A 458 -17.69 9.58 18.64
N LEU A 459 -18.00 8.60 17.79
CA LEU A 459 -19.23 7.83 17.98
C LEU A 459 -19.19 6.99 19.26
N PHE A 460 -18.06 6.34 19.51
CA PHE A 460 -18.00 5.37 20.60
C PHE A 460 -17.80 6.07 21.95
N PRO A 461 -18.24 5.44 23.03
CA PRO A 461 -17.99 6.01 24.37
C PRO A 461 -16.52 5.96 24.72
N THR A 462 -16.15 6.81 25.68
CA THR A 462 -14.74 7.03 25.99
C THR A 462 -14.05 5.75 26.45
N VAL A 463 -14.82 4.83 27.07
CA VAL A 463 -14.21 3.61 27.59
C VAL A 463 -13.63 2.75 26.47
N ILE A 464 -14.39 2.56 25.39
CA ILE A 464 -14.03 1.61 24.34
C ILE A 464 -13.47 2.28 23.10
N ARG A 465 -12.91 3.48 23.22
CA ARG A 465 -12.37 4.17 22.04
C ARG A 465 -11.24 3.38 21.40
N MET A 466 -10.25 2.96 22.20
CA MET A 466 -9.07 2.32 21.65
C MET A 466 -9.41 0.98 21.01
N THR A 467 -10.26 0.18 21.67
CA THR A 467 -10.57 -1.15 21.14
C THR A 467 -11.40 -1.07 19.87
N ALA A 468 -12.25 -0.05 19.75
CA ALA A 468 -13.07 0.08 18.54
C ALA A 468 -12.20 0.34 17.31
N VAL A 469 -11.19 1.21 17.45
CA VAL A 469 -10.26 1.44 16.35
C VAL A 469 -9.45 0.18 16.06
N GLY A 470 -9.14 -0.58 17.11
CA GLY A 470 -8.37 -1.80 16.92
C GLY A 470 -9.04 -2.79 16.00
N LEU A 471 -10.36 -2.98 16.16
CA LEU A 471 -11.10 -3.82 15.22
C LEU A 471 -11.10 -3.20 13.82
N GLY A 472 -11.29 -1.89 13.73
CA GLY A 472 -11.41 -1.25 12.42
C GLY A 472 -10.17 -1.46 11.57
N GLN A 473 -8.99 -1.42 12.18
CA GLN A 473 -7.77 -1.64 11.41
C GLN A 473 -7.62 -3.09 10.98
N VAL A 474 -8.15 -4.02 11.78
CA VAL A 474 -8.04 -5.44 11.44
C VAL A 474 -8.80 -5.75 10.14
N ALA A 475 -10.02 -5.23 10.02
CA ALA A 475 -10.80 -5.50 8.82
C ALA A 475 -10.17 -4.85 7.59
N ALA A 476 -9.50 -3.72 7.78
CA ALA A 476 -8.80 -3.09 6.67
C ALA A 476 -7.65 -3.98 6.18
N ARG A 477 -6.90 -4.56 7.11
CA ARG A 477 -5.82 -5.47 6.72
C ARG A 477 -6.36 -6.78 6.18
N GLY A 478 -7.35 -7.36 6.85
CA GLY A 478 -7.95 -8.59 6.37
C GLY A 478 -8.63 -8.42 5.03
N GLY A 479 -9.31 -7.29 4.83
CA GLY A 479 -9.92 -7.02 3.55
C GLY A 479 -8.93 -6.79 2.43
N ALA A 480 -7.78 -6.17 2.75
CA ALA A 480 -6.80 -5.88 1.71
C ALA A 480 -6.19 -7.15 1.14
N ILE A 481 -6.06 -8.19 1.96
CA ILE A 481 -5.49 -9.45 1.50
C ILE A 481 -6.35 -10.03 0.38
N LEU A 482 -7.66 -10.00 0.55
CA LEU A 482 -8.58 -10.53 -0.46
C LEU A 482 -8.67 -9.63 -1.69
N GLY A 483 -8.05 -8.46 -1.67
CA GLY A 483 -8.09 -7.55 -2.78
C GLY A 483 -7.50 -8.12 -4.06
N PRO A 484 -6.20 -8.37 -4.06
CA PRO A 484 -5.55 -8.88 -5.29
C PRO A 484 -6.11 -10.20 -5.79
N LEU A 485 -6.59 -11.07 -4.90
CA LEU A 485 -7.07 -12.39 -5.32
C LEU A 485 -8.27 -12.30 -6.25
N VAL A 486 -9.00 -11.19 -6.24
CA VAL A 486 -10.17 -11.07 -7.11
C VAL A 486 -9.76 -11.05 -8.57
N ARG A 487 -8.55 -10.58 -8.87
CA ARG A 487 -8.10 -10.48 -10.25
C ARG A 487 -8.05 -11.84 -10.94
N LEU A 488 -8.05 -12.93 -10.17
CA LEU A 488 -8.09 -14.27 -10.76
C LEU A 488 -9.42 -14.56 -11.44
N LEU A 489 -10.45 -13.74 -11.21
CA LEU A 489 -11.70 -13.87 -11.94
C LEU A 489 -11.64 -13.27 -13.33
N GLY A 490 -10.53 -12.61 -13.69
CA GLY A 490 -10.42 -12.00 -14.99
C GLY A 490 -10.44 -12.96 -16.16
N VAL A 491 -10.23 -14.26 -15.90
CA VAL A 491 -10.25 -15.23 -16.98
C VAL A 491 -11.66 -15.35 -17.58
N TYR A 492 -12.69 -15.24 -16.73
CA TYR A 492 -14.05 -15.27 -17.25
C TYR A 492 -14.36 -14.04 -18.10
N GLY A 493 -13.89 -12.88 -17.67
CA GLY A 493 -14.17 -11.65 -18.41
C GLY A 493 -13.31 -10.51 -17.92
N SER A 494 -13.22 -9.47 -18.76
CA SER A 494 -12.41 -8.31 -18.41
C SER A 494 -13.12 -7.41 -17.42
N TRP A 495 -14.46 -7.34 -17.49
CA TRP A 495 -15.19 -6.36 -16.70
C TRP A 495 -15.43 -6.85 -15.28
N LEU A 496 -15.26 -8.14 -15.02
CA LEU A 496 -15.54 -8.69 -13.70
C LEU A 496 -14.67 -8.11 -12.59
N PRO A 497 -13.34 -8.01 -12.74
CA PRO A 497 -12.56 -7.37 -11.66
C PRO A 497 -13.01 -5.95 -11.36
N LEU A 498 -13.42 -5.19 -12.38
CA LEU A 498 -13.89 -3.82 -12.13
C LEU A 498 -15.27 -3.80 -11.52
N LEU A 499 -16.13 -4.76 -11.88
CA LEU A 499 -17.50 -4.75 -11.37
C LEU A 499 -17.54 -4.99 -9.86
N VAL A 500 -16.75 -5.97 -9.38
CA VAL A 500 -16.76 -6.27 -7.95
C VAL A 500 -16.13 -5.13 -7.16
N TYR A 501 -15.08 -4.52 -7.69
CA TYR A 501 -14.42 -3.40 -7.02
C TYR A 501 -15.28 -2.15 -6.98
N GLY A 502 -16.36 -2.09 -7.76
CA GLY A 502 -17.23 -0.93 -7.74
C GLY A 502 -18.49 -1.16 -6.93
N VAL A 503 -18.93 -2.41 -6.84
CA VAL A 503 -20.16 -2.72 -6.12
C VAL A 503 -19.94 -2.63 -4.61
N VAL A 504 -18.78 -3.08 -4.13
CA VAL A 504 -18.53 -3.06 -2.68
C VAL A 504 -18.58 -1.66 -2.10
N PRO A 505 -17.88 -0.64 -2.66
CA PRO A 505 -18.01 0.70 -2.07
C PRO A 505 -19.41 1.28 -2.13
N VAL A 506 -20.18 0.96 -3.17
CA VAL A 506 -21.54 1.48 -3.25
C VAL A 506 -22.40 0.93 -2.12
N LEU A 507 -22.32 -0.37 -1.88
CA LEU A 507 -23.05 -0.97 -0.75
C LEU A 507 -22.51 -0.48 0.58
N SER A 508 -21.19 -0.34 0.69
CA SER A 508 -20.61 0.15 1.94
C SER A 508 -21.02 1.60 2.21
N GLY A 509 -20.97 2.44 1.17
CA GLY A 509 -21.32 3.84 1.36
C GLY A 509 -22.80 4.05 1.66
N LEU A 510 -23.67 3.33 0.95
CA LEU A 510 -25.11 3.49 1.18
C LEU A 510 -25.54 2.90 2.51
N ALA A 511 -24.88 1.84 2.97
CA ALA A 511 -25.25 1.23 4.24
C ALA A 511 -24.79 2.06 5.44
N ALA A 512 -23.89 3.02 5.22
CA ALA A 512 -23.42 3.87 6.32
C ALA A 512 -24.45 4.92 6.71
N LEU A 513 -25.52 5.07 5.94
CA LEU A 513 -26.55 6.06 6.28
C LEU A 513 -27.31 5.70 7.56
N LEU A 514 -27.24 4.45 8.00
CA LEU A 514 -27.96 4.02 9.19
C LEU A 514 -27.27 4.45 10.48
N LEU A 515 -26.06 5.01 10.40
CA LEU A 515 -25.31 5.39 11.59
C LEU A 515 -25.99 6.53 12.33
C10 A1EAP B . 0.45 0.70 4.04
C13 A1EAP B . -2.11 1.87 5.62
C15 A1EAP B . 1.47 -0.18 3.31
C17 A1EAP B . -1.16 4.67 -0.54
C20 A1EAP B . -1.89 0.93 8.09
C21 A1EAP B . -3.08 -0.50 6.22
C22 A1EAP B . -2.62 -0.34 7.66
C07 A1EAP B . -1.06 2.72 3.32
C08 A1EAP B . -0.07 1.76 3.08
C09 A1EAP B . -0.34 2.92 1.25
C11 A1EAP B . -1.84 2.97 4.61
C12 A1EAP B . -2.12 4.61 1.84
C14 A1EAP B . -0.27 3.55 -0.19
C16 A1EAP B . -2.07 5.21 0.45
C18 A1EAP B . -1.63 2.04 7.07
C19 A1EAP B . -2.83 0.59 5.21
C23 A1EAP B . -1.42 1.10 9.53
N04 A1EAP B . -1.20 3.43 2.19
N05 A1EAP B . 0.34 1.90 1.81
N06 A1EAP B . -1.06 1.23 10.60
O02 A1EAP B . -2.26 4.06 4.83
O03 A1EAP B . -2.85 -1.35 8.60
BR01 A1EAP B . -4.01 -2.11 5.67
#